data_2B9I
#
_entry.id   2B9I
#
_cell.length_a   58.081
_cell.length_b   63.618
_cell.length_c   99.950
_cell.angle_alpha   90.00
_cell.angle_beta   90.00
_cell.angle_gamma   90.00
#
_symmetry.space_group_name_H-M   'P 21 21 21'
#
loop_
_entity.id
_entity.type
_entity.pdbx_description
1 polymer 'Mitogen-activated protein kinase FUS3'
2 polymer 'Tyrosine-protein phosphatase MSG5'
3 non-polymer 'MAGNESIUM ION'
4 non-polymer "ADENOSINE-5'-DIPHOSPHATE"
5 water water
#
loop_
_entity_poly.entity_id
_entity_poly.type
_entity_poly.pdbx_seq_one_letter_code
_entity_poly.pdbx_strand_id
1 'polypeptide(L)'
;MPKRIVYNISSDFQLKSLLGEGAYGVVCSATHKPTGEIVAIKKIEPFDKPLFALRTLREIKILKHFKHENIITIFNIQRP
DSFENFNEVYIIQELMQTDLHRVISTQMLSDDHIQYFIYQTLRAVKVLHGSNVIHRDLKPSNLLINSNCDLKVCDFGLAR
IIDESAADNSEPTGQQSGMVEFVATRWYRAPEVMLTSAKYSRAMDVWSCGCILAELFLRRPIFPGRDYRHQLLLIFGIIG
TPHSDNDLRCIESPRAREYIKSLPMYPAAPLEKMFPRVNPKGIDLLQRMLVFDPAKRITAKEALEHPYLQTYHDPNDEPE
GEPIPPSFFEFDHYKEALTTKDLKKLIWNEIFS
;
A
2 'polypeptide(L)' PRSLQNRNTKNLSLDIAALHP C
#
loop_
_chem_comp.id
_chem_comp.type
_chem_comp.name
_chem_comp.formula
ADP non-polymer ADENOSINE-5'-DIPHOSPHATE 'C10 H15 N5 O10 P2'
MG non-polymer 'MAGNESIUM ION' 'Mg 2'
#
# COMPACT_ATOMS: atom_id res chain seq x y z
N MET A 1 -15.18 11.96 20.09
CA MET A 1 -14.50 10.63 20.05
C MET A 1 -15.27 9.62 20.88
N PRO A 2 -15.61 8.47 20.26
CA PRO A 2 -16.34 7.35 20.84
C PRO A 2 -15.83 6.85 22.17
N LYS A 3 -16.72 6.87 23.15
CA LYS A 3 -16.41 6.42 24.51
C LYS A 3 -15.91 4.99 24.51
N ARG A 4 -16.28 4.18 23.51
CA ARG A 4 -15.81 2.80 23.49
C ARG A 4 -14.29 2.63 23.22
N ILE A 5 -13.63 3.62 22.58
CA ILE A 5 -12.19 3.52 22.30
C ILE A 5 -11.32 3.84 23.53
N VAL A 6 -10.55 2.85 23.97
CA VAL A 6 -9.67 2.99 25.13
C VAL A 6 -8.20 2.74 24.78
N TYR A 7 -7.35 3.73 25.07
CA TYR A 7 -5.91 3.65 24.83
C TYR A 7 -5.12 3.69 26.14
N ASN A 8 -4.37 2.63 26.40
CA ASN A 8 -3.55 2.56 27.62
C ASN A 8 -2.20 3.21 27.36
N ILE A 9 -2.23 4.52 27.11
CA ILE A 9 -1.01 5.27 26.87
C ILE A 9 -0.83 6.31 27.92
N SER A 10 0.34 6.94 27.93
CA SER A 10 0.64 7.97 28.90
C SER A 10 -0.52 8.95 29.01
N SER A 11 -0.76 9.43 30.21
CA SER A 11 -1.85 10.39 30.38
C SER A 11 -1.45 11.77 29.84
N ASP A 12 -0.22 11.92 29.34
CA ASP A 12 0.20 13.20 28.75
C ASP A 12 -0.52 13.32 27.40
N PHE A 13 -1.10 12.19 26.97
CA PHE A 13 -1.83 12.12 25.72
C PHE A 13 -3.32 12.30 25.95
N GLN A 14 -3.99 12.90 24.98
CA GLN A 14 -5.44 13.13 25.05
C GLN A 14 -6.05 12.83 23.66
N LEU A 15 -6.81 11.75 23.57
CA LEU A 15 -7.42 11.40 22.31
C LEU A 15 -8.24 12.56 21.74
N LYS A 16 -8.18 12.73 20.44
CA LYS A 16 -8.89 13.78 19.78
C LYS A 16 -9.97 13.18 18.87
N SER A 17 -9.57 12.66 17.73
CA SER A 17 -10.55 12.04 16.86
C SER A 17 -10.12 10.67 16.40
N LEU A 18 -11.14 9.84 16.19
CA LEU A 18 -11.03 8.48 15.72
C LEU A 18 -10.91 8.57 14.21
N LEU A 19 -9.82 8.09 13.64
CA LEU A 19 -9.66 8.19 12.19
C LEU A 19 -9.83 6.88 11.43
N GLY A 20 -9.57 5.76 12.08
CA GLY A 20 -9.71 4.50 11.39
C GLY A 20 -10.01 3.40 12.38
N GLU A 21 -10.92 2.52 12.01
CA GLU A 21 -11.25 1.43 12.90
C GLU A 21 -11.38 0.15 12.15
N GLY A 22 -10.54 -0.82 12.50
CA GLY A 22 -10.57 -2.11 11.83
C GLY A 22 -10.21 -3.21 12.79
N ALA A 23 -10.40 -4.45 12.38
CA ALA A 23 -10.14 -5.58 13.25
C ALA A 23 -8.67 -5.68 13.59
N TYR A 24 -7.84 -5.00 12.83
CA TYR A 24 -6.43 -5.09 13.12
C TYR A 24 -5.93 -3.86 13.80
N GLY A 25 -6.23 -2.71 13.20
CA GLY A 25 -5.75 -1.49 13.78
C GLY A 25 -6.84 -0.48 13.97
N VAL A 26 -6.58 0.44 14.91
CA VAL A 26 -7.47 1.50 15.25
C VAL A 26 -6.61 2.76 15.27
N VAL A 27 -6.97 3.76 14.48
CA VAL A 27 -6.18 4.96 14.43
C VAL A 27 -6.87 6.21 14.94
N CYS A 28 -6.26 6.86 15.91
CA CYS A 28 -6.80 8.07 16.48
C CYS A 28 -5.79 9.20 16.51
N SER A 29 -6.30 10.41 16.38
CA SER A 29 -5.42 11.56 16.45
C SER A 29 -5.38 11.82 17.94
N ALA A 30 -4.35 12.51 18.42
CA ALA A 30 -4.26 12.77 19.85
C ALA A 30 -3.33 13.92 20.15
N THR A 31 -3.58 14.62 21.24
CA THR A 31 -2.69 15.68 21.60
C THR A 31 -1.74 15.24 22.69
N HIS A 32 -0.46 15.54 22.50
CA HIS A 32 0.53 15.23 23.54
C HIS A 32 0.56 16.60 24.25
N LYS A 33 -0.23 16.70 25.32
CA LYS A 33 -0.43 17.91 26.12
C LYS A 33 0.78 18.81 26.41
N PRO A 34 1.86 18.23 26.95
CA PRO A 34 3.07 18.98 27.28
C PRO A 34 3.73 19.72 26.13
N THR A 35 3.61 19.21 24.91
CA THR A 35 4.23 19.87 23.76
C THR A 35 3.20 20.51 22.84
N GLY A 36 1.95 20.10 23.02
CA GLY A 36 0.87 20.63 22.21
C GLY A 36 0.86 20.05 20.82
N GLU A 37 1.77 19.12 20.55
CA GLU A 37 1.82 18.50 19.24
C GLU A 37 0.67 17.51 19.05
N ILE A 38 0.02 17.58 17.89
CA ILE A 38 -1.05 16.66 17.57
C ILE A 38 -0.46 15.52 16.75
N VAL A 39 -0.70 14.28 17.17
CA VAL A 39 -0.11 13.15 16.47
C VAL A 39 -1.13 12.10 16.19
N ALA A 40 -0.70 11.11 15.41
CA ALA A 40 -1.56 10.00 15.07
C ALA A 40 -1.09 8.79 15.88
N ILE A 41 -2.02 8.07 16.52
CA ILE A 41 -1.67 6.90 17.31
C ILE A 41 -2.48 5.70 16.88
N LYS A 42 -1.74 4.69 16.42
CA LYS A 42 -2.32 3.45 15.93
C LYS A 42 -2.19 2.40 17.02
N LYS A 43 -3.32 1.85 17.42
CA LYS A 43 -3.38 0.84 18.45
C LYS A 43 -3.65 -0.53 17.90
N ILE A 44 -2.83 -1.50 18.29
CA ILE A 44 -2.96 -2.89 17.86
C ILE A 44 -2.93 -3.91 19.00
N GLU A 45 -3.90 -4.83 19.04
CA GLU A 45 -3.94 -5.90 20.04
C GLU A 45 -3.39 -7.10 19.24
N PRO A 46 -2.08 -7.33 19.32
CA PRO A 46 -1.37 -8.38 18.62
C PRO A 46 -1.24 -9.74 19.26
N PHE A 47 -1.62 -9.91 20.51
CA PHE A 47 -1.38 -11.20 21.12
C PHE A 47 -2.47 -12.25 21.26
N ASP A 48 -3.47 -12.19 20.40
CA ASP A 48 -4.54 -13.20 20.44
C ASP A 48 -4.35 -14.30 19.42
N LYS A 49 -3.50 -14.06 18.42
CA LYS A 49 -3.20 -15.02 17.36
C LYS A 49 -1.88 -14.58 16.75
N PRO A 50 -0.89 -15.49 16.66
CA PRO A 50 0.42 -15.13 16.09
C PRO A 50 0.28 -14.20 14.90
N LEU A 51 -0.67 -14.54 14.04
CA LEU A 51 -0.95 -13.78 12.85
C LEU A 51 -0.95 -12.27 13.08
N PHE A 52 -1.62 -11.82 14.12
CA PHE A 52 -1.63 -10.40 14.42
C PHE A 52 -0.23 -9.89 14.85
N ALA A 53 0.45 -10.67 15.68
CA ALA A 53 1.75 -10.26 16.15
C ALA A 53 2.76 -10.11 15.01
N LEU A 54 2.67 -11.04 14.07
CA LEU A 54 3.55 -11.07 12.89
C LEU A 54 3.39 -9.79 12.07
N ARG A 55 2.14 -9.44 11.78
CA ARG A 55 1.82 -8.24 11.02
C ARG A 55 2.43 -7.06 11.76
N THR A 56 2.12 -6.98 13.04
CA THR A 56 2.63 -5.89 13.84
C THR A 56 4.15 -5.78 13.77
N LEU A 57 4.84 -6.89 13.96
CA LEU A 57 6.30 -6.84 13.92
C LEU A 57 6.78 -6.36 12.55
N ARG A 58 6.18 -6.86 11.47
CA ARG A 58 6.58 -6.45 10.13
C ARG A 58 6.32 -4.98 9.88
N GLU A 59 5.17 -4.49 10.34
CA GLU A 59 4.85 -3.10 10.12
C GLU A 59 5.84 -2.23 10.86
N ILE A 60 6.21 -2.63 12.07
CA ILE A 60 7.13 -1.85 12.86
C ILE A 60 8.52 -1.78 12.22
N LYS A 61 9.15 -2.92 11.97
CA LYS A 61 10.48 -2.88 11.38
C LYS A 61 10.51 -2.08 10.09
N ILE A 62 9.48 -2.19 9.25
CA ILE A 62 9.48 -1.43 8.02
C ILE A 62 9.47 0.05 8.31
N LEU A 63 8.53 0.51 9.13
CA LEU A 63 8.46 1.92 9.47
C LEU A 63 9.77 2.46 10.04
N LYS A 64 10.41 1.71 10.94
CA LYS A 64 11.66 2.17 11.54
C LYS A 64 12.78 2.14 10.53
N HIS A 65 12.61 1.35 9.49
CA HIS A 65 13.69 1.24 8.55
C HIS A 65 13.87 2.38 7.59
N PHE A 66 12.77 2.86 7.04
CA PHE A 66 12.84 3.93 6.08
C PHE A 66 12.73 5.32 6.65
N LYS A 67 13.33 6.25 5.90
CA LYS A 67 13.33 7.67 6.16
C LYS A 67 13.14 8.27 4.76
N HIS A 68 11.90 8.22 4.28
CA HIS A 68 11.54 8.70 2.94
C HIS A 68 10.30 9.64 3.00
N GLU A 69 10.31 10.74 2.25
CA GLU A 69 9.19 11.67 2.28
C GLU A 69 7.84 11.05 1.89
N ASN A 70 7.86 9.91 1.23
CA ASN A 70 6.60 9.28 0.83
C ASN A 70 6.20 8.05 1.65
N ILE A 71 6.90 7.82 2.76
CA ILE A 71 6.54 6.71 3.62
C ILE A 71 6.27 7.35 4.95
N ILE A 72 5.07 7.09 5.49
CA ILE A 72 4.71 7.67 6.75
C ILE A 72 5.79 7.55 7.82
N THR A 73 6.03 8.66 8.50
CA THR A 73 7.02 8.79 9.54
C THR A 73 6.55 8.27 10.92
N ILE A 74 7.36 7.42 11.55
CA ILE A 74 7.04 6.92 12.88
C ILE A 74 7.83 7.76 13.92
N PHE A 75 7.17 8.32 14.92
CA PHE A 75 7.89 9.09 15.92
C PHE A 75 8.37 8.18 17.06
N ASN A 76 7.55 7.21 17.43
CA ASN A 76 7.93 6.38 18.53
C ASN A 76 6.92 5.30 18.85
N ILE A 77 7.22 4.43 19.80
CA ILE A 77 6.25 3.43 20.18
C ILE A 77 6.11 3.49 21.68
N GLN A 78 4.89 3.60 22.16
CA GLN A 78 4.63 3.65 23.59
C GLN A 78 5.39 2.55 24.30
N ARG A 79 6.02 2.87 25.42
CA ARG A 79 6.76 1.84 26.18
C ARG A 79 5.90 1.24 27.31
N PRO A 80 5.67 -0.07 27.25
CA PRO A 80 4.84 -0.65 28.30
C PRO A 80 5.60 -0.52 29.61
N ASP A 81 4.89 -0.47 30.74
CA ASP A 81 5.58 -0.38 32.01
C ASP A 81 6.04 -1.73 32.55
N SER A 82 5.66 -2.83 31.91
CA SER A 82 6.12 -4.16 32.32
C SER A 82 5.83 -5.19 31.24
N PHE A 83 6.65 -6.21 31.15
CA PHE A 83 6.44 -7.21 30.13
C PHE A 83 5.13 -7.90 30.40
N GLU A 84 4.90 -8.15 31.67
CA GLU A 84 3.68 -8.80 32.10
C GLU A 84 2.47 -7.98 31.62
N ASN A 85 2.54 -6.65 31.77
CA ASN A 85 1.42 -5.80 31.39
C ASN A 85 1.55 -5.19 29.97
N PHE A 86 1.96 -6.03 29.01
CA PHE A 86 2.16 -5.61 27.65
C PHE A 86 1.14 -6.33 26.76
N ASN A 87 0.05 -5.64 26.48
CA ASN A 87 -1.02 -6.21 25.68
C ASN A 87 -1.40 -5.44 24.44
N GLU A 88 -0.91 -4.24 24.27
CA GLU A 88 -1.25 -3.51 23.07
C GLU A 88 -0.02 -2.76 22.60
N VAL A 89 0.06 -2.55 21.31
CA VAL A 89 1.16 -1.79 20.77
C VAL A 89 0.58 -0.45 20.30
N TYR A 90 1.23 0.65 20.65
CA TYR A 90 0.77 1.98 20.22
C TYR A 90 1.85 2.67 19.43
N ILE A 91 1.64 2.71 18.12
CA ILE A 91 2.59 3.31 17.24
C ILE A 91 2.25 4.77 17.11
N ILE A 92 3.18 5.61 17.51
CA ILE A 92 2.95 7.04 17.41
C ILE A 92 3.53 7.62 16.12
N GLN A 93 2.70 8.20 15.30
CA GLN A 93 3.23 8.77 14.08
C GLN A 93 2.74 10.17 13.70
N GLU A 94 3.38 10.70 12.68
CA GLU A 94 3.06 11.99 12.11
C GLU A 94 1.59 11.97 11.72
N LEU A 95 0.86 13.02 12.07
CA LEU A 95 -0.55 13.12 11.76
C LEU A 95 -0.76 13.64 10.37
N MET A 96 -1.60 12.95 9.62
CA MET A 96 -1.91 13.38 8.25
C MET A 96 -3.37 13.81 8.24
N GLN A 97 -3.78 14.64 7.28
CA GLN A 97 -5.18 15.05 7.26
C GLN A 97 -6.20 14.06 6.68
N THR A 98 -5.80 13.14 5.83
CA THR A 98 -6.73 12.09 5.33
C THR A 98 -6.04 11.06 4.47
N ASP A 99 -6.83 10.18 3.89
CA ASP A 99 -6.31 9.18 2.98
C ASP A 99 -6.83 9.44 1.57
N LEU A 100 -6.17 8.85 0.59
CA LEU A 100 -6.58 9.06 -0.78
C LEU A 100 -8.00 8.58 -1.07
N HIS A 101 -8.42 7.50 -0.43
CA HIS A 101 -9.76 7.05 -0.69
C HIS A 101 -10.74 8.17 -0.38
N ARG A 102 -10.59 8.81 0.77
CA ARG A 102 -11.45 9.92 1.17
C ARG A 102 -11.36 11.08 0.16
N VAL A 103 -10.16 11.36 -0.32
CA VAL A 103 -9.97 12.40 -1.31
C VAL A 103 -10.68 12.05 -2.62
N ILE A 104 -10.57 10.81 -3.10
CA ILE A 104 -11.23 10.47 -4.35
C ILE A 104 -12.73 10.64 -4.22
N SER A 105 -13.27 10.21 -3.08
CA SER A 105 -14.70 10.26 -2.83
C SER A 105 -15.28 11.61 -2.44
N THR A 106 -14.50 12.68 -2.47
CA THR A 106 -15.04 13.97 -2.07
C THR A 106 -14.36 15.13 -2.75
N GLN A 107 -13.47 14.83 -3.69
CA GLN A 107 -12.81 15.91 -4.37
C GLN A 107 -12.56 15.68 -5.84
N MET A 108 -12.69 16.75 -6.59
CA MET A 108 -12.48 16.65 -8.00
C MET A 108 -11.03 17.04 -8.21
N LEU A 109 -10.22 16.05 -8.56
CA LEU A 109 -8.83 16.29 -8.78
C LEU A 109 -8.53 16.75 -10.19
N SER A 110 -7.67 17.73 -10.31
CA SER A 110 -7.28 18.18 -11.62
C SER A 110 -6.35 17.08 -12.11
N ASP A 111 -5.92 17.18 -13.37
CA ASP A 111 -4.98 16.22 -13.92
C ASP A 111 -3.65 16.51 -13.24
N ASP A 112 -3.45 17.72 -12.76
CA ASP A 112 -2.19 18.03 -12.08
C ASP A 112 -2.10 17.20 -10.82
N HIS A 113 -3.13 17.27 -10.02
CA HIS A 113 -3.22 16.52 -8.78
C HIS A 113 -2.98 15.00 -8.94
N ILE A 114 -3.54 14.44 -10.00
CA ILE A 114 -3.40 13.05 -10.26
C ILE A 114 -1.93 12.79 -10.57
N GLN A 115 -1.37 13.59 -11.45
CA GLN A 115 0.01 13.40 -11.83
C GLN A 115 0.93 13.38 -10.61
N TYR A 116 0.70 14.32 -9.71
CA TYR A 116 1.52 14.44 -8.51
C TYR A 116 1.29 13.31 -7.49
N PHE A 117 0.02 12.97 -7.26
CA PHE A 117 -0.33 11.91 -6.33
C PHE A 117 0.26 10.55 -6.75
N ILE A 118 0.09 10.20 -8.02
CA ILE A 118 0.58 8.92 -8.48
C ILE A 118 2.09 8.94 -8.56
N TYR A 119 2.63 10.11 -8.80
CA TYR A 119 4.08 10.26 -8.87
C TYR A 119 4.68 9.91 -7.50
N GLN A 120 4.08 10.42 -6.43
CA GLN A 120 4.58 10.14 -5.09
C GLN A 120 4.43 8.68 -4.72
N THR A 121 3.29 8.11 -5.11
CA THR A 121 3.03 6.74 -4.83
C THR A 121 4.16 5.91 -5.46
N LEU A 122 4.39 6.14 -6.76
CA LEU A 122 5.42 5.40 -7.46
C LEU A 122 6.78 5.60 -6.83
N ARG A 123 7.10 6.82 -6.40
CA ARG A 123 8.38 7.10 -5.79
C ARG A 123 8.58 6.27 -4.51
N ALA A 124 7.53 6.15 -3.72
CA ALA A 124 7.58 5.33 -2.49
C ALA A 124 7.81 3.88 -2.88
N VAL A 125 7.12 3.44 -3.93
CA VAL A 125 7.23 2.07 -4.35
C VAL A 125 8.60 1.76 -4.89
N LYS A 126 9.24 2.74 -5.49
CA LYS A 126 10.58 2.49 -6.01
C LYS A 126 11.57 2.17 -4.88
N VAL A 127 11.53 3.00 -3.84
CA VAL A 127 12.44 2.79 -2.76
C VAL A 127 12.12 1.43 -2.09
N LEU A 128 10.85 1.03 -2.10
CA LEU A 128 10.52 -0.25 -1.51
C LEU A 128 11.06 -1.38 -2.37
N HIS A 129 10.76 -1.31 -3.66
CA HIS A 129 11.25 -2.35 -4.55
C HIS A 129 12.76 -2.41 -4.58
N GLY A 130 13.41 -1.27 -4.45
CA GLY A 130 14.86 -1.27 -4.45
C GLY A 130 15.48 -1.90 -3.19
N SER A 131 14.71 -1.98 -2.10
CA SER A 131 15.21 -2.58 -0.87
C SER A 131 14.71 -4.01 -0.84
N ASN A 132 14.08 -4.42 -1.96
CA ASN A 132 13.55 -5.78 -2.11
C ASN A 132 12.33 -6.01 -1.25
N VAL A 133 11.57 -4.96 -0.99
CA VAL A 133 10.36 -5.05 -0.19
C VAL A 133 9.13 -4.82 -1.07
N ILE A 134 8.10 -5.63 -0.91
CA ILE A 134 6.90 -5.32 -1.67
C ILE A 134 5.80 -5.09 -0.67
N HIS A 135 5.00 -4.07 -0.92
CA HIS A 135 3.92 -3.69 -0.02
C HIS A 135 2.78 -4.72 0.06
N ARG A 136 2.33 -5.18 -1.11
CA ARG A 136 1.26 -6.17 -1.24
C ARG A 136 -0.14 -5.67 -0.88
N ASP A 137 -0.26 -4.48 -0.32
CA ASP A 137 -1.57 -4.00 0.04
C ASP A 137 -1.77 -2.55 -0.32
N LEU A 138 -1.26 -2.14 -1.47
CA LEU A 138 -1.42 -0.77 -1.91
C LEU A 138 -2.82 -0.52 -2.46
N LYS A 139 -3.48 0.49 -1.88
CA LYS A 139 -4.81 0.94 -2.28
C LYS A 139 -4.98 2.37 -1.78
N PRO A 140 -5.96 3.11 -2.30
CA PRO A 140 -6.13 4.51 -1.84
C PRO A 140 -6.25 4.75 -0.33
N SER A 141 -6.85 3.84 0.42
CA SER A 141 -6.98 4.13 1.83
C SER A 141 -5.67 4.01 2.63
N ASN A 142 -4.61 3.51 1.97
CA ASN A 142 -3.31 3.38 2.62
C ASN A 142 -2.30 4.39 2.15
N LEU A 143 -2.80 5.42 1.47
CA LEU A 143 -2.03 6.56 1.00
C LEU A 143 -2.56 7.78 1.78
N LEU A 144 -1.72 8.33 2.67
CA LEU A 144 -2.12 9.46 3.50
C LEU A 144 -1.81 10.78 2.77
N ILE A 145 -2.73 11.73 2.86
CA ILE A 145 -2.58 13.00 2.16
C ILE A 145 -2.74 14.23 3.03
N ASN A 146 -1.92 15.26 2.77
CA ASN A 146 -2.04 16.55 3.49
C ASN A 146 -2.60 17.55 2.50
N SER A 147 -3.10 18.67 3.02
CA SER A 147 -3.68 19.70 2.15
C SER A 147 -2.65 20.29 1.15
N ASN A 148 -1.36 20.15 1.42
CA ASN A 148 -0.39 20.68 0.46
C ASN A 148 -0.13 19.60 -0.58
N CYS A 149 -0.89 18.52 -0.47
CA CYS A 149 -0.78 17.43 -1.41
C CYS A 149 0.38 16.43 -1.23
N ASP A 150 0.96 16.41 -0.04
CA ASP A 150 2.03 15.44 0.25
C ASP A 150 1.33 14.06 0.35
N LEU A 151 2.00 13.00 -0.08
CA LEU A 151 1.39 11.67 0.02
C LEU A 151 2.40 10.70 0.67
N LYS A 152 1.92 9.87 1.58
CA LYS A 152 2.78 8.90 2.24
C LYS A 152 2.11 7.55 2.35
N VAL A 153 2.85 6.51 2.01
CA VAL A 153 2.31 5.20 2.13
C VAL A 153 2.29 4.77 3.60
N CYS A 154 1.26 4.03 4.00
CA CYS A 154 1.17 3.49 5.36
C CYS A 154 0.72 2.03 5.29
N ASP A 155 0.62 1.37 6.43
CA ASP A 155 0.15 -0.03 6.50
C ASP A 155 1.14 -1.01 5.89
N PHE A 156 2.24 -1.25 6.58
CA PHE A 156 3.25 -2.15 6.05
C PHE A 156 3.24 -3.57 6.58
N GLY A 157 2.20 -3.91 7.35
CA GLY A 157 2.09 -5.23 7.92
C GLY A 157 2.07 -6.39 6.94
N LEU A 158 1.52 -6.19 5.76
CA LEU A 158 1.49 -7.27 4.77
C LEU A 158 2.70 -7.32 3.84
N ALA A 159 3.68 -6.46 4.09
CA ALA A 159 4.89 -6.43 3.29
C ALA A 159 5.63 -7.77 3.30
N ARG A 160 6.45 -8.01 2.27
CA ARG A 160 7.26 -9.24 2.23
C ARG A 160 8.58 -8.92 1.56
N ILE A 161 9.59 -9.72 1.85
CA ILE A 161 10.87 -9.51 1.24
C ILE A 161 10.97 -10.53 0.13
N ILE A 162 11.46 -10.13 -1.03
CA ILE A 162 11.60 -11.02 -2.19
C ILE A 162 12.68 -12.07 -1.95
N ASP A 163 12.45 -13.33 -2.33
CA ASP A 163 13.50 -14.35 -2.13
C ASP A 163 13.51 -15.62 -3.01
N GLU A 164 14.66 -16.28 -3.09
CA GLU A 164 14.86 -17.55 -3.85
C GLU A 164 15.49 -18.64 -2.97
N VAL A 180 -4.56 -19.44 6.95
CA VAL A 180 -4.97 -18.23 7.64
C VAL A 180 -3.97 -17.08 7.47
N GLU A 181 -4.46 -15.99 6.88
CA GLU A 181 -3.65 -14.81 6.64
C GLU A 181 -4.56 -13.64 6.32
N PHE A 182 -4.04 -12.43 6.44
CA PHE A 182 -4.81 -11.26 6.06
C PHE A 182 -4.67 -11.23 4.55
N VAL A 183 -5.76 -10.90 3.88
CA VAL A 183 -5.75 -10.85 2.43
C VAL A 183 -5.91 -9.42 1.91
N ALA A 184 -5.14 -9.06 0.89
CA ALA A 184 -5.22 -7.71 0.30
C ALA A 184 -6.49 -7.58 -0.53
N THR A 185 -7.21 -6.47 -0.33
CA THR A 185 -8.45 -6.20 -1.08
C THR A 185 -8.35 -6.68 -2.50
N ARG A 186 -9.33 -7.45 -2.94
CA ARG A 186 -9.29 -8.00 -4.30
C ARG A 186 -9.42 -7.00 -5.45
N TRP A 187 -9.96 -5.80 -5.20
CA TRP A 187 -10.11 -4.87 -6.30
C TRP A 187 -8.77 -4.39 -6.78
N TYR A 188 -7.75 -4.63 -5.97
CA TYR A 188 -6.41 -4.20 -6.31
C TYR A 188 -5.43 -5.36 -6.50
N ARG A 189 -5.90 -6.58 -6.39
CA ARG A 189 -5.01 -7.74 -6.57
C ARG A 189 -4.67 -8.03 -8.06
N ALA A 190 -3.41 -8.30 -8.33
CA ALA A 190 -3.00 -8.63 -9.70
C ALA A 190 -3.58 -10.01 -10.09
N PRO A 191 -3.99 -10.12 -11.35
CA PRO A 191 -4.55 -11.37 -11.84
C PRO A 191 -3.68 -12.59 -11.57
N GLU A 192 -2.36 -12.46 -11.53
CA GLU A 192 -1.50 -13.65 -11.29
C GLU A 192 -1.60 -14.09 -9.85
N VAL A 193 -1.85 -13.15 -8.95
CA VAL A 193 -1.99 -13.56 -7.57
C VAL A 193 -3.28 -14.36 -7.45
N MET A 194 -4.35 -13.87 -8.06
CA MET A 194 -5.62 -14.59 -7.98
C MET A 194 -5.57 -15.96 -8.62
N LEU A 195 -4.78 -16.10 -9.67
CA LEU A 195 -4.65 -17.37 -10.35
C LEU A 195 -3.47 -18.12 -9.75
N THR A 196 -2.51 -18.49 -10.61
CA THR A 196 -1.29 -19.22 -10.23
C THR A 196 -0.83 -18.99 -8.80
N SER A 197 -0.13 -19.99 -8.24
CA SER A 197 0.42 -19.88 -6.89
C SER A 197 1.56 -18.87 -7.03
N ALA A 198 1.24 -17.60 -6.74
CA ALA A 198 2.16 -16.47 -6.88
C ALA A 198 3.29 -16.31 -5.88
N LYS A 199 4.52 -16.34 -6.39
CA LYS A 199 5.69 -16.09 -5.55
C LYS A 199 5.79 -14.56 -5.68
N TYR A 200 5.51 -13.87 -4.58
CA TYR A 200 5.52 -12.40 -4.50
C TYR A 200 6.42 -11.72 -5.52
N SER A 201 5.91 -10.71 -6.21
CA SER A 201 6.77 -10.01 -7.14
C SER A 201 6.52 -8.52 -7.13
N ARG A 202 7.51 -7.78 -7.64
CA ARG A 202 7.38 -6.33 -7.76
C ARG A 202 6.22 -6.01 -8.68
N ALA A 203 5.94 -6.86 -9.67
CA ALA A 203 4.86 -6.56 -10.59
C ALA A 203 3.47 -6.43 -9.90
N MET A 204 3.23 -7.18 -8.83
CA MET A 204 1.91 -7.06 -8.23
C MET A 204 1.61 -5.66 -7.67
N ASP A 205 2.62 -5.01 -7.07
CA ASP A 205 2.43 -3.68 -6.53
C ASP A 205 2.13 -2.70 -7.66
N VAL A 206 2.85 -2.82 -8.77
CA VAL A 206 2.62 -1.93 -9.90
C VAL A 206 1.22 -2.13 -10.40
N TRP A 207 0.75 -3.38 -10.36
CA TRP A 207 -0.62 -3.61 -10.83
C TRP A 207 -1.56 -2.80 -9.94
N SER A 208 -1.31 -2.78 -8.64
CA SER A 208 -2.14 -2.02 -7.70
C SER A 208 -2.09 -0.50 -7.99
N CYS A 209 -0.90 0.01 -8.24
CA CYS A 209 -0.72 1.41 -8.56
C CYS A 209 -1.55 1.67 -9.78
N GLY A 210 -1.53 0.71 -10.69
CA GLY A 210 -2.30 0.81 -11.91
C GLY A 210 -3.77 0.93 -11.58
N CYS A 211 -4.25 0.13 -10.62
CA CYS A 211 -5.65 0.24 -10.25
C CYS A 211 -5.92 1.58 -9.59
N ILE A 212 -4.91 2.05 -8.85
CA ILE A 212 -5.06 3.31 -8.18
C ILE A 212 -5.12 4.46 -9.17
N LEU A 213 -4.25 4.48 -10.17
CA LEU A 213 -4.28 5.57 -11.14
C LEU A 213 -5.63 5.58 -11.88
N ALA A 214 -6.08 4.38 -12.29
CA ALA A 214 -7.35 4.25 -12.97
C ALA A 214 -8.42 4.83 -12.07
N GLU A 215 -8.37 4.51 -10.79
CA GLU A 215 -9.39 5.02 -9.90
C GLU A 215 -9.34 6.55 -9.80
N LEU A 216 -8.15 7.12 -9.83
CA LEU A 216 -8.07 8.57 -9.81
C LEU A 216 -8.78 9.19 -11.04
N PHE A 217 -8.60 8.57 -12.20
CA PHE A 217 -9.22 9.06 -13.42
C PHE A 217 -10.73 8.82 -13.43
N LEU A 218 -11.15 7.66 -12.93
CA LEU A 218 -12.56 7.26 -12.90
C LEU A 218 -13.33 7.77 -11.70
N ARG A 219 -12.63 8.17 -10.65
CA ARG A 219 -13.30 8.65 -9.45
C ARG A 219 -14.07 7.50 -8.79
N ARG A 220 -13.79 6.27 -9.21
CA ARG A 220 -14.39 5.07 -8.60
C ARG A 220 -13.44 3.90 -8.90
N PRO A 221 -13.56 2.77 -8.20
CA PRO A 221 -12.64 1.67 -8.50
C PRO A 221 -12.92 1.06 -9.87
N ILE A 222 -11.85 0.83 -10.63
CA ILE A 222 -11.97 0.25 -11.96
C ILE A 222 -12.37 -1.23 -12.01
N PHE A 223 -12.02 -2.01 -10.98
CA PHE A 223 -12.36 -3.44 -10.95
C PHE A 223 -13.05 -3.86 -9.66
N PRO A 224 -14.26 -3.36 -9.42
CA PRO A 224 -15.03 -3.68 -8.21
C PRO A 224 -15.65 -5.06 -8.12
N GLY A 225 -14.90 -6.12 -8.41
CA GLY A 225 -15.48 -7.45 -8.34
C GLY A 225 -16.10 -7.90 -7.03
N ARG A 226 -17.20 -8.64 -7.12
CA ARG A 226 -17.88 -9.15 -5.93
C ARG A 226 -17.21 -10.40 -5.41
N ASP A 227 -16.54 -11.14 -6.29
CA ASP A 227 -15.80 -12.33 -5.87
C ASP A 227 -14.65 -12.60 -6.84
N TYR A 228 -13.99 -13.72 -6.65
CA TYR A 228 -12.88 -14.15 -7.51
C TYR A 228 -13.27 -14.15 -8.99
N ARG A 229 -14.32 -14.89 -9.32
CA ARG A 229 -14.78 -15.03 -10.69
C ARG A 229 -15.07 -13.72 -11.38
N HIS A 230 -15.94 -12.95 -10.74
CA HIS A 230 -16.40 -11.67 -11.21
C HIS A 230 -15.16 -10.78 -11.35
N GLN A 231 -14.26 -10.82 -10.36
CA GLN A 231 -13.06 -10.00 -10.42
C GLN A 231 -12.30 -10.24 -11.72
N LEU A 232 -12.07 -11.50 -12.06
CA LEU A 232 -11.35 -11.81 -13.29
C LEU A 232 -12.13 -11.40 -14.53
N LEU A 233 -13.45 -11.57 -14.46
CA LEU A 233 -14.32 -11.22 -15.57
C LEU A 233 -14.27 -9.74 -15.83
N LEU A 234 -14.04 -8.97 -14.77
CA LEU A 234 -13.97 -7.53 -14.95
C LEU A 234 -12.61 -7.12 -15.51
N ILE A 235 -11.55 -7.65 -14.95
CA ILE A 235 -10.21 -7.30 -15.41
C ILE A 235 -9.99 -7.64 -16.86
N PHE A 236 -10.37 -8.86 -17.24
CA PHE A 236 -10.15 -9.28 -18.63
C PHE A 236 -11.04 -8.51 -19.57
N GLY A 237 -12.21 -8.10 -19.07
CA GLY A 237 -13.11 -7.32 -19.90
C GLY A 237 -12.45 -6.01 -20.27
N ILE A 238 -11.43 -5.58 -19.53
CA ILE A 238 -10.71 -4.34 -19.84
C ILE A 238 -9.38 -4.62 -20.60
N ILE A 239 -8.51 -5.42 -20.03
CA ILE A 239 -7.23 -5.63 -20.70
C ILE A 239 -7.22 -6.68 -21.77
N GLY A 240 -8.31 -7.40 -21.90
CA GLY A 240 -8.39 -8.44 -22.92
C GLY A 240 -8.11 -9.81 -22.36
N THR A 241 -8.75 -10.81 -22.93
CA THR A 241 -8.57 -12.17 -22.48
C THR A 241 -7.28 -12.74 -23.11
N PRO A 242 -6.38 -13.29 -22.28
CA PRO A 242 -5.15 -13.83 -22.87
C PRO A 242 -5.46 -15.12 -23.59
N HIS A 243 -4.98 -15.24 -24.82
CA HIS A 243 -5.25 -16.43 -25.60
C HIS A 243 -4.08 -17.34 -25.86
N SER A 244 -3.02 -16.81 -26.46
CA SER A 244 -1.82 -17.61 -26.77
C SER A 244 -1.14 -18.25 -25.55
N ASP A 245 -0.28 -19.24 -25.82
CA ASP A 245 0.46 -19.94 -24.77
C ASP A 245 1.68 -19.14 -24.30
N ASN A 246 2.14 -18.21 -25.13
CA ASN A 246 3.26 -17.36 -24.75
C ASN A 246 2.62 -16.45 -23.72
N ASP A 247 1.39 -16.06 -24.00
CA ASP A 247 0.60 -15.19 -23.12
C ASP A 247 0.22 -15.93 -21.83
N LEU A 248 -0.12 -17.21 -21.93
CA LEU A 248 -0.51 -18.01 -20.78
C LEU A 248 0.66 -18.65 -20.06
N ARG A 249 1.86 -18.14 -20.31
CA ARG A 249 3.05 -18.68 -19.68
C ARG A 249 3.08 -18.46 -18.17
N CYS A 250 3.24 -17.21 -17.77
CA CYS A 250 3.29 -16.85 -16.36
C CYS A 250 2.46 -17.73 -15.46
N ILE A 251 1.35 -18.24 -15.98
CA ILE A 251 0.46 -19.12 -15.21
C ILE A 251 0.88 -20.58 -15.42
N GLU A 252 1.11 -21.34 -14.36
CA GLU A 252 1.52 -22.73 -14.55
C GLU A 252 0.55 -23.77 -14.04
N SER A 253 -0.36 -23.36 -13.16
CA SER A 253 -1.35 -24.29 -12.62
C SER A 253 -2.42 -24.59 -13.66
N PRO A 254 -2.52 -25.86 -14.09
CA PRO A 254 -3.50 -26.33 -15.08
C PRO A 254 -4.92 -25.78 -14.92
N ARG A 255 -5.54 -25.99 -13.76
CA ARG A 255 -6.88 -25.48 -13.51
C ARG A 255 -7.01 -23.99 -13.85
N ALA A 256 -5.95 -23.23 -13.60
CA ALA A 256 -5.97 -21.81 -13.93
C ALA A 256 -5.92 -21.63 -15.46
N ARG A 257 -5.09 -22.41 -16.15
CA ARG A 257 -5.02 -22.32 -17.61
C ARG A 257 -6.44 -22.55 -18.12
N GLU A 258 -7.02 -23.65 -17.64
CA GLU A 258 -8.37 -24.07 -17.99
C GLU A 258 -9.44 -23.04 -17.69
N TYR A 259 -9.34 -22.41 -16.53
CA TYR A 259 -10.32 -21.43 -16.16
C TYR A 259 -10.24 -20.22 -17.10
N ILE A 260 -9.01 -19.84 -17.45
CA ILE A 260 -8.80 -18.71 -18.32
C ILE A 260 -9.39 -19.00 -19.69
N LYS A 261 -9.23 -20.24 -20.16
CA LYS A 261 -9.73 -20.65 -21.47
C LYS A 261 -11.26 -20.71 -21.56
N SER A 262 -11.91 -20.85 -20.40
CA SER A 262 -13.36 -20.94 -20.40
C SER A 262 -13.99 -19.54 -20.36
N LEU A 263 -13.14 -18.52 -20.36
CA LEU A 263 -13.63 -17.13 -20.33
C LEU A 263 -14.03 -16.55 -21.68
N PRO A 264 -14.94 -15.56 -21.70
CA PRO A 264 -15.30 -15.01 -23.00
C PRO A 264 -13.97 -14.47 -23.53
N MET A 265 -13.80 -14.42 -24.83
CA MET A 265 -12.57 -13.89 -25.40
C MET A 265 -12.75 -12.38 -25.61
N TYR A 266 -12.30 -11.60 -24.65
CA TYR A 266 -12.41 -10.15 -24.73
C TYR A 266 -11.21 -9.50 -25.38
N PRO A 267 -11.46 -8.48 -26.20
CA PRO A 267 -10.32 -7.78 -26.83
C PRO A 267 -9.91 -6.74 -25.80
N ALA A 268 -8.73 -6.16 -25.96
CA ALA A 268 -8.31 -5.11 -25.05
C ALA A 268 -9.31 -3.98 -25.30
N ALA A 269 -9.92 -3.49 -24.24
CA ALA A 269 -10.90 -2.44 -24.37
C ALA A 269 -10.17 -1.15 -24.70
N PRO A 270 -10.71 -0.40 -25.68
CA PRO A 270 -10.13 0.90 -26.12
C PRO A 270 -10.23 1.95 -25.00
N LEU A 271 -9.13 2.13 -24.27
CA LEU A 271 -9.11 3.06 -23.14
C LEU A 271 -9.38 4.54 -23.44
N GLU A 272 -8.79 5.03 -24.52
CA GLU A 272 -8.97 6.41 -24.96
C GLU A 272 -10.47 6.67 -25.14
N LYS A 273 -11.21 5.64 -25.52
CA LYS A 273 -12.65 5.75 -25.69
C LYS A 273 -13.32 5.61 -24.34
N MET A 274 -12.66 4.95 -23.40
CA MET A 274 -13.20 4.81 -22.05
C MET A 274 -13.02 6.17 -21.33
N PHE A 275 -11.79 6.64 -21.26
CA PHE A 275 -11.45 7.92 -20.60
C PHE A 275 -11.35 9.05 -21.63
N PRO A 276 -12.44 9.38 -22.32
CA PRO A 276 -12.35 10.45 -23.32
C PRO A 276 -11.69 11.75 -22.92
N ARG A 277 -11.84 12.16 -21.67
CA ARG A 277 -11.24 13.40 -21.24
C ARG A 277 -9.97 13.27 -20.42
N VAL A 278 -9.47 12.05 -20.30
CA VAL A 278 -8.24 11.86 -19.56
C VAL A 278 -7.05 12.14 -20.47
N ASN A 279 -6.00 12.70 -19.87
CA ASN A 279 -4.78 12.99 -20.60
C ASN A 279 -4.27 11.71 -21.28
N PRO A 280 -4.04 11.76 -22.59
CA PRO A 280 -3.57 10.61 -23.38
C PRO A 280 -2.32 10.00 -22.78
N LYS A 281 -1.47 10.85 -22.22
CA LYS A 281 -0.25 10.37 -21.61
C LYS A 281 -0.56 9.57 -20.33
N GLY A 282 -1.62 9.99 -19.65
CA GLY A 282 -2.02 9.34 -18.43
C GLY A 282 -2.54 7.95 -18.75
N ILE A 283 -3.26 7.86 -19.86
CA ILE A 283 -3.82 6.59 -20.27
C ILE A 283 -2.69 5.70 -20.76
N ASP A 284 -1.73 6.32 -21.41
CA ASP A 284 -0.63 5.54 -21.88
C ASP A 284 0.03 4.84 -20.69
N LEU A 285 0.41 5.62 -19.68
CA LEU A 285 1.06 5.06 -18.49
C LEU A 285 0.15 4.00 -17.87
N LEU A 286 -1.15 4.27 -17.87
CA LEU A 286 -2.11 3.35 -17.31
C LEU A 286 -2.03 1.98 -17.97
N GLN A 287 -2.08 1.97 -19.31
CA GLN A 287 -2.02 0.73 -20.05
C GLN A 287 -0.72 -0.03 -19.86
N ARG A 288 0.32 0.68 -19.44
CA ARG A 288 1.59 0.02 -19.23
C ARG A 288 1.65 -0.68 -17.87
N MET A 289 0.72 -0.34 -17.00
CA MET A 289 0.65 -0.94 -15.68
C MET A 289 -0.33 -2.07 -15.66
N LEU A 290 -1.47 -1.90 -16.30
CA LEU A 290 -2.44 -2.96 -16.27
C LEU A 290 -2.24 -3.97 -17.40
N VAL A 291 -1.12 -4.69 -17.34
CA VAL A 291 -0.80 -5.71 -18.33
C VAL A 291 -0.81 -7.09 -17.64
N PHE A 292 -1.31 -8.07 -18.35
CA PHE A 292 -1.41 -9.39 -17.79
C PHE A 292 -0.12 -10.05 -17.39
N ASP A 293 0.86 -10.05 -18.30
CA ASP A 293 2.12 -10.71 -18.01
C ASP A 293 2.98 -9.86 -17.10
N PRO A 294 3.09 -10.29 -15.85
CA PRO A 294 3.91 -9.49 -14.94
C PRO A 294 5.31 -9.12 -15.49
N ALA A 295 5.87 -9.94 -16.36
CA ALA A 295 7.20 -9.63 -16.84
C ALA A 295 7.21 -8.42 -17.79
N LYS A 296 6.06 -8.16 -18.41
CA LYS A 296 5.98 -7.05 -19.32
C LYS A 296 5.41 -5.82 -18.69
N ARG A 297 4.98 -5.95 -17.46
CA ARG A 297 4.40 -4.82 -16.76
C ARG A 297 5.54 -3.82 -16.48
N ILE A 298 5.25 -2.53 -16.66
CA ILE A 298 6.26 -1.48 -16.44
C ILE A 298 6.69 -1.48 -14.97
N THR A 299 7.95 -1.15 -14.71
CA THR A 299 8.45 -1.13 -13.35
C THR A 299 8.26 0.25 -12.76
N ALA A 300 8.43 0.34 -11.45
CA ALA A 300 8.24 1.61 -10.77
C ALA A 300 9.21 2.67 -11.29
N LYS A 301 10.48 2.31 -11.42
CA LYS A 301 11.47 3.24 -11.92
C LYS A 301 11.04 3.74 -13.31
N GLU A 302 10.83 2.78 -14.21
CA GLU A 302 10.41 3.07 -15.55
C GLU A 302 9.24 4.05 -15.52
N ALA A 303 8.24 3.75 -14.69
CA ALA A 303 7.04 4.60 -14.61
C ALA A 303 7.33 6.05 -14.23
N LEU A 304 8.34 6.29 -13.41
CA LEU A 304 8.72 7.63 -13.00
C LEU A 304 9.28 8.35 -14.22
N GLU A 305 9.86 7.56 -15.13
CA GLU A 305 10.48 8.08 -16.34
C GLU A 305 9.49 8.36 -17.47
N HIS A 306 8.28 7.84 -17.33
CA HIS A 306 7.23 8.01 -18.32
C HIS A 306 6.91 9.49 -18.54
N PRO A 307 6.51 9.85 -19.77
CA PRO A 307 6.15 11.22 -20.14
C PRO A 307 5.09 11.88 -19.25
N TYR A 308 4.10 11.10 -18.85
CA TYR A 308 3.03 11.63 -18.00
C TYR A 308 3.52 12.30 -16.71
N LEU A 309 4.62 11.80 -16.16
CA LEU A 309 5.16 12.33 -14.90
C LEU A 309 6.34 13.26 -15.11
N GLN A 310 6.50 13.71 -16.34
CA GLN A 310 7.60 14.60 -16.74
C GLN A 310 7.70 15.88 -15.90
N THR A 311 6.56 16.37 -15.42
CA THR A 311 6.51 17.58 -14.59
C THR A 311 7.23 17.42 -13.24
N TYR A 312 7.30 16.19 -12.74
CA TYR A 312 7.91 15.93 -11.43
C TYR A 312 9.12 15.00 -11.44
N HIS A 313 9.31 14.29 -12.53
CA HIS A 313 10.41 13.36 -12.57
C HIS A 313 11.78 14.01 -12.46
N ASP A 314 12.67 13.35 -11.71
CA ASP A 314 14.06 13.79 -11.52
C ASP A 314 14.89 12.61 -11.09
N PRO A 315 15.66 12.05 -12.03
CA PRO A 315 16.52 10.89 -11.79
C PRO A 315 17.43 10.97 -10.58
N ASN A 316 17.66 12.18 -10.04
CA ASN A 316 18.52 12.32 -8.88
C ASN A 316 17.82 12.50 -7.54
N ASP A 317 16.51 12.64 -7.56
CA ASP A 317 15.75 12.79 -6.31
C ASP A 317 14.68 11.68 -6.21
N GLU A 318 15.12 10.46 -6.54
CA GLU A 318 14.27 9.29 -6.54
C GLU A 318 15.06 8.12 -5.96
N PRO A 319 15.20 8.13 -4.64
CA PRO A 319 15.94 7.10 -3.91
C PRO A 319 15.67 5.71 -4.44
N GLU A 320 16.73 4.94 -4.63
CA GLU A 320 16.63 3.57 -5.11
C GLU A 320 16.60 2.55 -3.95
N GLY A 321 17.00 2.98 -2.76
CA GLY A 321 16.99 2.07 -1.63
C GLY A 321 18.21 1.17 -1.61
N GLU A 322 18.27 0.27 -0.63
CA GLU A 322 19.36 -0.68 -0.51
C GLU A 322 18.75 -2.01 -0.12
N PRO A 323 19.25 -3.13 -0.67
CA PRO A 323 18.66 -4.44 -0.32
C PRO A 323 18.51 -4.82 1.15
N ILE A 324 17.33 -5.38 1.50
CA ILE A 324 17.05 -5.86 2.86
C ILE A 324 17.16 -7.41 2.75
N PRO A 325 17.85 -8.08 3.68
CA PRO A 325 17.85 -9.52 3.42
C PRO A 325 16.59 -10.18 3.94
N PRO A 326 16.30 -11.40 3.48
CA PRO A 326 15.11 -12.19 3.90
C PRO A 326 15.01 -12.40 5.42
N SER A 327 16.17 -12.49 6.08
CA SER A 327 16.19 -12.71 7.54
C SER A 327 15.79 -11.46 8.35
N PHE A 328 15.54 -10.35 7.67
CA PHE A 328 15.09 -9.15 8.33
C PHE A 328 13.72 -9.57 8.91
N PHE A 329 13.01 -10.44 8.21
CA PHE A 329 11.75 -10.97 8.70
C PHE A 329 12.00 -12.46 8.98
N GLU A 330 13.10 -12.78 9.67
CA GLU A 330 13.46 -14.18 10.02
C GLU A 330 12.32 -14.96 10.66
N PHE A 331 11.65 -14.31 11.60
CA PHE A 331 10.55 -14.91 12.34
C PHE A 331 9.46 -15.53 11.49
N ASP A 332 9.49 -15.27 10.19
CA ASP A 332 8.51 -15.84 9.26
C ASP A 332 8.98 -17.18 8.70
N HIS A 333 10.27 -17.50 8.84
CA HIS A 333 10.79 -18.75 8.27
C HIS A 333 11.28 -19.77 9.27
N TYR A 334 10.46 -20.12 10.25
CA TYR A 334 10.87 -21.11 11.22
C TYR A 334 10.19 -22.44 10.95
N LYS A 335 10.85 -23.53 11.35
CA LYS A 335 10.28 -24.87 11.18
C LYS A 335 8.96 -24.88 11.96
N GLU A 336 9.07 -24.70 13.28
CA GLU A 336 7.89 -24.65 14.13
C GLU A 336 7.52 -23.19 14.15
N ALA A 337 6.23 -22.90 14.22
CA ALA A 337 5.81 -21.53 14.26
C ALA A 337 6.23 -21.01 15.63
N LEU A 338 6.50 -19.70 15.71
CA LEU A 338 6.86 -19.11 16.98
C LEU A 338 5.59 -19.04 17.78
N THR A 339 5.74 -18.97 19.10
CA THR A 339 4.61 -18.86 20.00
C THR A 339 4.31 -17.36 20.16
N THR A 340 3.24 -17.06 20.88
CA THR A 340 2.90 -15.68 21.11
C THR A 340 3.99 -15.09 21.99
N LYS A 341 4.47 -15.84 22.98
CA LYS A 341 5.52 -15.33 23.85
C LYS A 341 6.79 -14.99 23.05
N ASP A 342 7.18 -15.86 22.13
CA ASP A 342 8.37 -15.59 21.31
C ASP A 342 8.17 -14.27 20.59
N LEU A 343 7.00 -14.11 19.98
CA LEU A 343 6.69 -12.89 19.24
C LEU A 343 6.65 -11.65 20.12
N LYS A 344 6.15 -11.80 21.34
CA LYS A 344 6.05 -10.68 22.28
C LYS A 344 7.44 -10.12 22.51
N LYS A 345 8.40 -11.03 22.67
CA LYS A 345 9.80 -10.67 22.86
C LYS A 345 10.28 -9.87 21.67
N LEU A 346 10.15 -10.47 20.50
CA LEU A 346 10.59 -9.80 19.29
C LEU A 346 10.03 -8.36 19.16
N ILE A 347 8.75 -8.14 19.48
CA ILE A 347 8.16 -6.81 19.40
C ILE A 347 8.77 -5.90 20.49
N TRP A 348 8.86 -6.40 21.70
CA TRP A 348 9.48 -5.67 22.81
C TRP A 348 10.88 -5.19 22.37
N ASN A 349 11.64 -6.10 21.79
CA ASN A 349 12.95 -5.81 21.27
C ASN A 349 12.93 -4.66 20.28
N GLU A 350 11.93 -4.61 19.41
CA GLU A 350 11.85 -3.51 18.47
C GLU A 350 11.40 -2.24 19.16
N ILE A 351 10.61 -2.38 20.22
CA ILE A 351 10.15 -1.15 20.82
C ILE A 351 11.24 -0.43 21.61
N PHE A 352 12.09 -1.21 22.27
CA PHE A 352 13.11 -0.63 23.11
C PHE A 352 14.46 -0.51 22.47
N SER A 353 14.53 -0.64 21.15
CA SER A 353 15.80 -0.52 20.45
C SER A 353 15.88 0.83 19.72
N SER B 3 9.63 16.04 3.71
CA SER B 3 8.51 16.53 2.89
C SER B 3 8.95 16.76 1.47
N LEU B 4 8.04 16.72 0.52
CA LEU B 4 8.44 16.91 -0.86
C LEU B 4 7.90 18.18 -1.42
N GLN B 5 7.42 19.07 -0.55
CA GLN B 5 6.84 20.33 -1.00
C GLN B 5 7.74 21.11 -1.95
N ASN B 6 9.05 21.07 -1.73
CA ASN B 6 9.99 21.79 -2.57
C ASN B 6 9.87 21.34 -4.03
N ARG B 7 9.11 20.27 -4.28
CA ARG B 7 8.92 19.77 -5.62
C ARG B 7 7.54 20.09 -6.18
N ASN B 8 6.66 20.58 -5.31
CA ASN B 8 5.32 20.95 -5.74
C ASN B 8 5.43 22.25 -6.55
N THR B 9 6.16 22.18 -7.66
CA THR B 9 6.38 23.32 -8.53
C THR B 9 5.13 24.16 -8.83
N LYS B 10 3.93 23.56 -8.79
CA LYS B 10 2.67 24.30 -9.08
C LYS B 10 1.80 24.68 -7.85
N ASN B 11 2.32 24.57 -6.65
CA ASN B 11 1.58 24.91 -5.44
C ASN B 11 0.16 24.33 -5.41
N LEU B 12 0.04 23.04 -5.72
CA LEU B 12 -1.24 22.34 -5.70
C LEU B 12 -1.78 22.22 -4.26
N SER B 13 -3.09 22.45 -4.09
CA SER B 13 -3.69 22.37 -2.76
C SER B 13 -4.98 21.59 -2.78
N LEU B 14 -5.54 21.38 -1.61
CA LEU B 14 -6.80 20.70 -1.48
C LEU B 14 -7.40 21.36 -0.27
N ASP B 15 -8.65 21.82 -0.36
CA ASP B 15 -9.30 22.48 0.76
C ASP B 15 -9.90 21.41 1.68
N ILE B 16 -9.19 21.05 2.76
CA ILE B 16 -9.66 20.05 3.74
C ILE B 16 -9.99 20.68 5.13
MG MG C . -5.07 -0.15 5.73
PB ADP D . -5.21 -0.62 9.01
O1B ADP D . -6.31 -0.54 9.97
O2B ADP D . -4.29 -1.78 9.24
O3B ADP D . -5.74 -0.52 7.53
PA ADP D . -3.89 1.82 8.43
O1A ADP D . -2.55 2.28 8.94
O2A ADP D . -3.97 1.47 6.96
O3A ADP D . -4.30 0.64 9.32
O5' ADP D . -4.87 3.00 8.88
C5' ADP D . -6.28 2.99 8.57
C4' ADP D . -6.84 4.39 8.30
O4' ADP D . -6.40 5.27 9.37
C3' ADP D . -6.32 5.08 7.05
O3' ADP D . -7.17 4.71 5.94
C2' ADP D . -6.35 6.55 7.45
O2' ADP D . -7.61 7.14 7.21
C1' ADP D . -6.08 6.58 8.94
N9 ADP D . -4.63 6.87 9.25
C8 ADP D . -3.64 5.95 9.42
N7 ADP D . -2.47 6.48 9.69
C5 ADP D . -2.71 7.81 9.70
C6 ADP D . -1.83 8.95 9.94
N6 ADP D . -0.57 8.88 10.19
N1 ADP D . -2.45 10.19 9.85
C2 ADP D . -3.79 10.33 9.57
N3 ADP D . -4.61 9.28 9.36
C4 ADP D . -4.04 8.08 9.42
#